data_9C9N
#
_entry.id   9C9N
#
_cell.length_a   44.291
_cell.length_b   44.291
_cell.length_c   107.349
_cell.angle_alpha   90.000
_cell.angle_beta   90.000
_cell.angle_gamma   120.000
#
_symmetry.space_group_name_H-M   'P 31'
#
loop_
_entity.id
_entity.type
_entity.pdbx_description
1 polymer 'Fe/2-OG dependent dioxygenase MysH'
2 non-polymer 'SUCCINIC ACID'
3 non-polymer 'NICKEL (II) ION'
4 non-polymer 'ACETATE ION'
5 non-polymer 1,2-ETHANEDIOL
6 water water
#
_entity_poly.entity_id   1
_entity_poly.type   'polypeptide(L)'
_entity_poly.pdbx_seq_one_letter_code
;SNAMLKVDTQKISPQQVEAFERDGVICVKNAVDDIWVERMRTAVDKNISIPGPLEDKNVPKPQGSAEHASSIWLIDADFR
ALAFESPLPTLAAQVLKSKKLNFLADGFFVKKPESNGRIGWHNDLPYWPVQGWQCCKIWLALDTVKQENGRLEYIKGSHQ
WGKELRERSNPSWFIEPEPHEILSWDMEAGDCLIHHFLTIHHSVTNISSTQRRAIVTNWTGDDVTYYQRPKAWPFKPLEE
IDLPEFNSLKTKKSGEPIDCDIFPRVQVHR
;
_entity_poly.pdbx_strand_id   A
#
# COMPACT_ATOMS: atom_id res chain seq x y z
N MET A 4 -3.32 28.72 -2.22
CA MET A 4 -4.68 28.20 -2.13
C MET A 4 -5.70 29.20 -2.67
N LEU A 5 -6.58 28.73 -3.55
CA LEU A 5 -7.58 29.59 -4.18
C LEU A 5 -8.97 29.25 -3.65
N LYS A 6 -9.85 30.27 -3.66
CA LYS A 6 -11.21 30.08 -3.16
C LYS A 6 -12.00 29.08 -3.98
N VAL A 7 -11.58 28.80 -5.23
CA VAL A 7 -12.28 27.84 -6.08
C VAL A 7 -11.74 26.43 -5.95
N ASP A 8 -10.69 26.22 -5.17
CA ASP A 8 -10.08 24.89 -5.14
C ASP A 8 -11.01 23.88 -4.48
N THR A 9 -11.03 22.69 -5.06
CA THR A 9 -11.70 21.53 -4.50
C THR A 9 -10.68 20.39 -4.46
N GLN A 10 -10.79 19.55 -3.45
CA GLN A 10 -9.92 18.39 -3.35
C GLN A 10 -10.77 17.12 -3.44
N LYS A 11 -10.16 16.08 -4.01
CA LYS A 11 -10.86 14.81 -4.12
C LYS A 11 -11.22 14.26 -2.74
N ILE A 12 -10.31 14.37 -1.78
CA ILE A 12 -10.56 13.95 -0.40
C ILE A 12 -11.18 15.15 0.31
N SER A 13 -12.44 15.02 0.73
CA SER A 13 -13.09 16.10 1.45
C SER A 13 -12.38 16.32 2.79
N PRO A 14 -12.49 17.52 3.36
CA PRO A 14 -11.91 17.73 4.70
C PRO A 14 -12.43 16.74 5.73
N GLN A 15 -13.71 16.37 5.64
CA GLN A 15 -14.26 15.38 6.56
C GLN A 15 -13.60 14.02 6.36
N GLN A 16 -13.30 13.66 5.11
CA GLN A 16 -12.61 12.41 4.87
C GLN A 16 -11.17 12.46 5.37
N VAL A 17 -10.51 13.61 5.22
CA VAL A 17 -9.18 13.77 5.82
C VAL A 17 -9.25 13.55 7.32
N GLU A 18 -10.32 14.04 7.94
CA GLU A 18 -10.47 13.90 9.38
C GLU A 18 -10.83 12.47 9.76
N ALA A 19 -11.55 11.77 8.89
CA ALA A 19 -11.87 10.37 9.14
C ALA A 19 -10.61 9.50 9.06
N PHE A 20 -9.68 9.86 8.16
CA PHE A 20 -8.43 9.13 8.09
C PHE A 20 -7.64 9.25 9.39
N GLU A 21 -7.60 10.46 9.95
CA GLU A 21 -6.90 10.64 11.23
C GLU A 21 -7.61 9.92 12.36
N ARG A 22 -8.95 9.92 12.35
CA ARG A 22 -9.70 9.29 13.43
C ARG A 22 -9.66 7.76 13.32
N ASP A 23 -9.94 7.22 12.13
CA ASP A 23 -10.12 5.78 11.96
C ASP A 23 -8.87 5.06 11.48
N GLY A 24 -7.95 5.77 10.80
CA GLY A 24 -6.76 5.15 10.25
C GLY A 24 -6.92 4.60 8.86
N VAL A 25 -8.10 4.77 8.25
CA VAL A 25 -8.39 4.23 6.93
C VAL A 25 -9.61 4.98 6.40
N ILE A 26 -9.60 5.25 5.09
CA ILE A 26 -10.76 5.76 4.37
C ILE A 26 -10.86 5.01 3.05
N CYS A 27 -12.05 5.10 2.44
CA CYS A 27 -12.31 4.57 1.12
C CYS A 27 -12.63 5.72 0.19
N VAL A 28 -11.95 5.80 -0.94
CA VAL A 28 -12.15 6.85 -1.94
C VAL A 28 -12.80 6.21 -3.16
N LYS A 29 -14.02 6.62 -3.49
CA LYS A 29 -14.69 6.13 -4.68
C LYS A 29 -14.13 6.81 -5.93
N ASN A 30 -14.03 6.04 -7.01
CA ASN A 30 -13.56 6.57 -8.30
C ASN A 30 -12.22 7.29 -8.16
N ALA A 31 -11.28 6.64 -7.48
CA ALA A 31 -9.98 7.25 -7.26
C ALA A 31 -9.25 7.50 -8.57
N VAL A 32 -9.39 6.55 -9.51
CA VAL A 32 -8.88 6.71 -10.87
C VAL A 32 -10.03 6.33 -11.80
N ASP A 33 -9.96 6.83 -13.03
CA ASP A 33 -11.04 6.61 -13.99
C ASP A 33 -10.92 5.24 -14.66
N ASP A 34 -11.88 4.91 -15.53
CA ASP A 34 -11.91 3.58 -16.13
C ASP A 34 -10.79 3.38 -17.14
N ILE A 35 -10.23 4.45 -17.70
CA ILE A 35 -9.07 4.30 -18.56
C ILE A 35 -7.88 3.78 -17.75
N TRP A 36 -7.63 4.40 -16.58
CA TRP A 36 -6.62 3.87 -15.67
C TRP A 36 -6.92 2.44 -15.27
N VAL A 37 -8.18 2.13 -14.94
CA VAL A 37 -8.49 0.75 -14.56
C VAL A 37 -8.11 -0.24 -15.65
N GLU A 38 -8.49 0.03 -16.90
CA GLU A 38 -8.17 -0.93 -17.96
C GLU A 38 -6.65 -1.02 -18.20
N ARG A 39 -5.95 0.11 -18.11
CA ARG A 39 -4.50 0.09 -18.31
C ARG A 39 -3.81 -0.72 -17.23
N MET A 40 -4.28 -0.61 -15.98
CA MET A 40 -3.62 -1.33 -14.90
C MET A 40 -4.05 -2.79 -14.82
N ARG A 41 -5.29 -3.12 -15.21
CA ARG A 41 -5.67 -4.52 -15.38
C ARG A 41 -4.70 -5.23 -16.33
N THR A 42 -4.40 -4.60 -17.48
CA THR A 42 -3.46 -5.19 -18.42
C THR A 42 -2.07 -5.34 -17.78
N ALA A 43 -1.63 -4.31 -17.06
CA ALA A 43 -0.31 -4.34 -16.42
C ALA A 43 -0.23 -5.43 -15.35
N VAL A 44 -1.30 -5.63 -14.59
CA VAL A 44 -1.32 -6.69 -13.58
C VAL A 44 -1.30 -8.06 -14.25
N ASP A 45 -2.15 -8.25 -15.26
CA ASP A 45 -2.21 -9.54 -15.94
C ASP A 45 -0.87 -9.89 -16.58
N LYS A 46 -0.11 -8.87 -16.99
CA LYS A 46 1.18 -9.07 -17.62
C LYS A 46 2.25 -9.47 -16.62
N ASN A 47 2.21 -8.89 -15.42
CA ASN A 47 3.27 -9.06 -14.44
C ASN A 47 2.99 -10.11 -13.38
N ILE A 48 1.75 -10.61 -13.30
CA ILE A 48 1.40 -11.57 -12.27
C ILE A 48 2.06 -12.92 -12.53
N SER A 49 2.46 -13.20 -13.76
CA SER A 49 2.99 -14.50 -14.15
C SER A 49 4.49 -14.63 -13.95
N ILE A 50 5.20 -13.57 -13.63
CA ILE A 50 6.65 -13.59 -13.55
C ILE A 50 7.07 -13.13 -12.17
N PRO A 51 8.25 -13.54 -11.71
CA PRO A 51 8.81 -12.96 -10.49
C PRO A 51 9.16 -11.49 -10.68
N GLY A 52 8.99 -10.73 -9.61
CA GLY A 52 9.23 -9.30 -9.65
C GLY A 52 10.68 -8.95 -9.85
N PRO A 53 10.96 -7.65 -10.07
CA PRO A 53 12.35 -7.22 -10.32
C PRO A 53 13.31 -7.58 -9.19
N LEU A 54 12.83 -7.69 -7.96
CA LEU A 54 13.70 -7.96 -6.82
C LEU A 54 13.89 -9.45 -6.54
N GLU A 55 13.24 -10.32 -7.30
CA GLU A 55 13.32 -11.76 -7.08
C GLU A 55 14.19 -12.40 -8.16
N ASP A 56 14.62 -13.62 -7.88
CA ASP A 56 15.38 -14.40 -8.85
C ASP A 56 14.43 -15.21 -9.72
N LYS A 57 14.59 -15.09 -11.04
CA LYS A 57 13.70 -15.75 -12.00
C LYS A 57 14.19 -17.15 -12.37
N LYS A 61 8.31 -17.87 -5.72
CA LYS A 61 7.42 -18.83 -6.39
C LYS A 61 6.57 -19.81 -5.53
N PRO A 62 6.90 -20.02 -4.25
CA PRO A 62 5.96 -20.75 -3.39
C PRO A 62 4.61 -20.05 -3.33
N GLN A 63 3.55 -20.85 -3.30
CA GLN A 63 2.19 -20.30 -3.35
C GLN A 63 1.84 -19.63 -2.03
N GLY A 64 1.44 -18.36 -2.09
CA GLY A 64 1.04 -17.61 -0.93
C GLY A 64 -0.48 -17.47 -0.82
N SER A 65 -0.90 -16.69 0.18
CA SER A 65 -2.32 -16.40 0.34
C SER A 65 -2.81 -15.41 -0.71
N ALA A 66 -1.90 -14.73 -1.39
CA ALA A 66 -2.19 -13.90 -2.55
C ALA A 66 -0.95 -13.88 -3.42
N GLU A 67 -1.14 -13.68 -4.73
CA GLU A 67 -0.02 -13.41 -5.62
C GLU A 67 0.48 -12.00 -5.35
N HIS A 68 1.79 -11.84 -5.20
CA HIS A 68 2.32 -10.56 -4.78
C HIS A 68 3.74 -10.38 -5.27
N ALA A 69 4.04 -9.19 -5.78
CA ALA A 69 5.40 -8.77 -6.05
C ALA A 69 5.45 -7.27 -5.89
N SER A 70 6.66 -6.74 -5.67
CA SER A 70 6.86 -5.31 -5.45
C SER A 70 7.80 -4.73 -6.51
N SER A 71 7.77 -3.41 -6.60
CA SER A 71 8.74 -2.64 -7.39
C SER A 71 8.54 -2.78 -8.89
N ILE A 72 7.29 -2.99 -9.31
CA ILE A 72 7.01 -3.22 -10.73
C ILE A 72 7.33 -1.99 -11.56
N TRP A 73 7.20 -0.80 -10.97
CA TRP A 73 7.51 0.43 -11.70
C TRP A 73 8.94 0.47 -12.23
N LEU A 74 9.86 -0.29 -11.64
CA LEU A 74 11.24 -0.29 -12.13
C LEU A 74 11.35 -0.87 -13.53
N ILE A 75 10.42 -1.74 -13.91
CA ILE A 75 10.48 -2.38 -15.22
C ILE A 75 9.29 -2.08 -16.10
N ASP A 76 8.15 -1.65 -15.54
CA ASP A 76 6.90 -1.54 -16.27
C ASP A 76 6.45 -0.09 -16.36
N ALA A 77 6.29 0.41 -17.59
CA ALA A 77 5.95 1.82 -17.78
C ALA A 77 4.56 2.17 -17.30
N ASP A 78 3.64 1.19 -17.23
CA ASP A 78 2.29 1.50 -16.77
C ASP A 78 2.24 1.63 -15.25
N PHE A 79 2.95 0.77 -14.52
CA PHE A 79 3.08 0.98 -13.09
C PHE A 79 3.79 2.29 -12.78
N ARG A 80 4.82 2.62 -13.57
CA ARG A 80 5.49 3.91 -13.36
C ARG A 80 4.53 5.07 -13.59
N ALA A 81 3.72 5.01 -14.64
CA ALA A 81 2.77 6.09 -14.91
C ALA A 81 1.73 6.19 -13.81
N LEU A 82 1.27 5.05 -13.27
CA LEU A 82 0.29 5.13 -12.18
C LEU A 82 0.87 5.87 -10.98
N ALA A 83 2.14 5.61 -10.66
CA ALA A 83 2.76 6.22 -9.49
C ALA A 83 2.96 7.72 -9.69
N PHE A 84 3.34 8.15 -10.89
CA PHE A 84 3.76 9.52 -11.11
C PHE A 84 2.78 10.39 -11.86
N GLU A 85 1.87 9.81 -12.66
CA GLU A 85 1.00 10.60 -13.52
C GLU A 85 -0.47 10.50 -13.20
N SER A 86 -0.87 9.57 -12.33
CA SER A 86 -2.29 9.36 -12.06
C SER A 86 -2.72 10.22 -10.88
N PRO A 87 -4.00 10.21 -10.50
CA PRO A 87 -4.41 10.95 -9.29
C PRO A 87 -3.83 10.42 -7.98
N LEU A 88 -3.24 9.22 -7.95
CA LEU A 88 -2.86 8.63 -6.67
C LEU A 88 -1.89 9.45 -5.83
N PRO A 89 -0.77 9.96 -6.36
CA PRO A 89 0.11 10.78 -5.53
C PRO A 89 -0.59 12.01 -4.97
N THR A 90 -1.55 12.57 -5.70
CA THR A 90 -2.31 13.71 -5.17
C THR A 90 -3.15 13.28 -3.97
N LEU A 91 -3.78 12.10 -4.04
CA LEU A 91 -4.55 11.61 -2.91
C LEU A 91 -3.66 11.40 -1.69
N ALA A 92 -2.47 10.82 -1.90
CA ALA A 92 -1.56 10.58 -0.79
C ALA A 92 -1.17 11.88 -0.12
N ALA A 93 -0.81 12.90 -0.90
CA ALA A 93 -0.46 14.20 -0.34
C ALA A 93 -1.62 14.79 0.45
N GLN A 94 -2.86 14.58 -0.01
CA GLN A 94 -4.02 15.14 0.67
C GLN A 94 -4.24 14.51 2.04
N VAL A 95 -4.13 13.18 2.15
CA VAL A 95 -4.37 12.53 3.44
C VAL A 95 -3.21 12.74 4.40
N LEU A 96 -1.98 12.77 3.90
CA LEU A 96 -0.84 12.97 4.78
C LEU A 96 -0.71 14.42 5.22
N LYS A 97 -1.34 15.34 4.49
CA LYS A 97 -1.24 16.77 4.74
C LYS A 97 0.23 17.21 4.82
N SER A 98 1.02 16.75 3.87
CA SER A 98 2.44 17.07 3.86
C SER A 98 2.79 17.88 2.62
N LYS A 99 3.84 18.67 2.74
CA LYS A 99 4.32 19.46 1.60
C LYS A 99 5.29 18.71 0.72
N LYS A 100 6.03 17.74 1.27
CA LYS A 100 6.84 16.82 0.48
C LYS A 100 6.13 15.48 0.37
N LEU A 101 6.48 14.74 -0.69
CA LEU A 101 5.91 13.42 -0.89
C LEU A 101 6.97 12.53 -1.53
N ASN A 102 7.17 11.35 -0.95
CA ASN A 102 8.00 10.31 -1.53
C ASN A 102 7.16 9.11 -1.92
N PHE A 103 7.45 8.57 -3.10
CA PHE A 103 6.96 7.27 -3.50
C PHE A 103 7.87 6.21 -2.88
N LEU A 104 7.32 5.40 -1.97
CA LEU A 104 8.11 4.42 -1.25
C LEU A 104 8.27 3.10 -2.03
N ALA A 105 7.21 2.60 -2.64
CA ALA A 105 7.22 1.34 -3.38
C ALA A 105 5.82 1.07 -3.92
N ASP A 106 5.76 0.22 -4.94
CA ASP A 106 4.49 -0.27 -5.44
C ASP A 106 4.46 -1.79 -5.34
N GLY A 107 3.35 -2.36 -5.80
CA GLY A 107 3.22 -3.79 -5.84
C GLY A 107 1.82 -4.15 -6.30
N PHE A 108 1.57 -5.45 -6.35
CA PHE A 108 0.22 -5.95 -6.54
C PHE A 108 -0.07 -7.03 -5.51
N PHE A 109 -1.35 -7.17 -5.17
CA PHE A 109 -1.86 -8.30 -4.39
C PHE A 109 -3.07 -8.82 -5.15
N VAL A 110 -2.99 -10.06 -5.63
CA VAL A 110 -4.08 -10.68 -6.38
C VAL A 110 -4.47 -11.98 -5.68
N LYS A 111 -5.73 -12.08 -5.28
CA LYS A 111 -6.29 -13.33 -4.75
C LYS A 111 -7.08 -14.03 -5.85
N LYS A 112 -6.54 -15.14 -6.34
CA LYS A 112 -7.10 -16.01 -7.37
C LYS A 112 -8.01 -17.06 -6.73
N PRO A 113 -9.18 -17.30 -7.31
CA PRO A 113 -10.12 -18.25 -6.69
C PRO A 113 -9.55 -19.64 -6.50
N GLU A 114 -8.68 -20.09 -7.40
CA GLU A 114 -8.14 -21.45 -7.30
C GLU A 114 -7.28 -21.63 -6.07
N SER A 115 -6.60 -20.58 -5.60
CA SER A 115 -5.61 -20.75 -4.55
C SER A 115 -5.32 -19.39 -3.91
N ASN A 116 -6.03 -19.09 -2.83
CA ASN A 116 -5.75 -17.92 -2.02
C ASN A 116 -6.19 -18.21 -0.59
N GLY A 117 -5.85 -17.30 0.31
CA GLY A 117 -6.26 -17.48 1.69
C GLY A 117 -6.28 -16.16 2.43
N ARG A 118 -6.60 -16.26 3.70
CA ARG A 118 -6.61 -15.09 4.57
C ARG A 118 -5.19 -14.60 4.80
N ILE A 119 -5.01 -13.28 4.75
CA ILE A 119 -3.82 -12.64 5.32
C ILE A 119 -4.23 -12.13 6.69
N GLY A 120 -3.52 -12.58 7.73
CA GLY A 120 -3.94 -12.32 9.09
C GLY A 120 -3.69 -10.89 9.55
N TRP A 121 -4.13 -10.60 10.78
CA TRP A 121 -4.02 -9.25 11.33
C TRP A 121 -2.57 -8.78 11.37
N HIS A 122 -2.34 -7.55 10.89
CA HIS A 122 -1.02 -6.96 10.89
C HIS A 122 -1.19 -5.48 10.60
N ASN A 123 -0.12 -4.72 10.86
CA ASN A 123 0.01 -3.42 10.21
C ASN A 123 1.25 -3.42 9.32
N ASP A 124 1.35 -2.40 8.47
CA ASP A 124 2.37 -2.45 7.43
C ASP A 124 3.72 -1.90 7.87
N LEU A 125 3.75 -1.02 8.87
CA LEU A 125 5.00 -0.39 9.31
C LEU A 125 6.15 -1.37 9.53
N PRO A 126 5.98 -2.50 10.22
CA PRO A 126 7.14 -3.36 10.51
C PRO A 126 7.76 -4.00 9.26
N TYR A 127 7.16 -3.83 8.08
CA TYR A 127 7.72 -4.38 6.87
C TYR A 127 8.50 -3.37 6.05
N TRP A 128 8.62 -2.13 6.52
CA TRP A 128 9.23 -1.07 5.71
C TRP A 128 10.34 -0.37 6.49
N PRO A 129 11.46 -0.06 5.81
CA PRO A 129 12.61 0.55 6.51
C PRO A 129 12.45 2.06 6.70
N VAL A 130 11.35 2.44 7.37
CA VAL A 130 11.01 3.84 7.58
C VAL A 130 10.50 4.00 9.01
N GLN A 131 10.53 5.24 9.47
CA GLN A 131 9.99 5.60 10.76
C GLN A 131 9.44 7.01 10.64
N GLY A 132 8.32 7.26 11.31
CA GLY A 132 7.64 8.53 11.17
C GLY A 132 6.15 8.34 11.00
N TRP A 133 5.38 9.39 11.26
CA TRP A 133 3.93 9.25 11.30
C TRP A 133 3.31 9.25 9.90
N GLN A 134 3.83 10.07 8.99
CA GLN A 134 3.20 10.33 7.70
C GLN A 134 3.58 9.24 6.68
N CYS A 135 3.00 8.05 6.88
CA CYS A 135 3.18 6.93 5.95
C CYS A 135 1.81 6.30 5.70
N CYS A 136 1.51 5.99 4.44
CA CYS A 136 0.22 5.38 4.11
C CYS A 136 0.37 4.47 2.89
N LYS A 137 -0.57 3.53 2.78
CA LYS A 137 -0.70 2.66 1.62
C LYS A 137 -1.99 3.03 0.90
N ILE A 138 -1.93 3.12 -0.42
CA ILE A 138 -3.12 3.21 -1.27
C ILE A 138 -3.32 1.85 -1.92
N TRP A 139 -4.49 1.25 -1.70
CA TRP A 139 -4.84 -0.07 -2.21
C TRP A 139 -5.94 0.16 -3.25
N LEU A 140 -5.57 0.06 -4.53
CA LEU A 140 -6.45 0.35 -5.65
C LEU A 140 -7.10 -0.95 -6.13
N ALA A 141 -8.43 -1.04 -6.02
CA ALA A 141 -9.16 -2.19 -6.52
C ALA A 141 -9.28 -2.14 -8.04
N LEU A 142 -9.06 -3.27 -8.68
CA LEU A 142 -9.25 -3.41 -10.12
C LEU A 142 -10.39 -4.37 -10.45
N ASP A 143 -11.13 -4.80 -9.43
CA ASP A 143 -12.29 -5.67 -9.56
C ASP A 143 -13.29 -5.25 -8.49
N THR A 144 -14.51 -5.78 -8.60
CA THR A 144 -15.46 -5.65 -7.52
C THR A 144 -14.93 -6.38 -6.28
N VAL A 145 -15.00 -5.73 -5.13
CA VAL A 145 -14.51 -6.31 -3.88
C VAL A 145 -15.56 -6.12 -2.79
N LYS A 146 -16.32 -7.17 -2.53
CA LYS A 146 -17.16 -7.31 -1.34
C LYS A 146 -16.54 -8.40 -0.47
N GLN A 147 -17.26 -8.84 0.57
CA GLN A 147 -16.66 -9.80 1.48
C GLN A 147 -16.27 -11.09 0.79
N GLU A 148 -17.15 -11.62 -0.07
CA GLU A 148 -16.87 -12.86 -0.77
C GLU A 148 -15.64 -12.78 -1.68
N ASN A 149 -15.21 -11.56 -2.03
CA ASN A 149 -14.09 -11.38 -2.95
C ASN A 149 -12.74 -11.25 -2.28
N GLY A 150 -12.68 -11.34 -0.95
CA GLY A 150 -11.41 -11.25 -0.27
C GLY A 150 -11.10 -9.86 0.22
N ARG A 151 -12.10 -9.12 0.70
CA ARG A 151 -11.92 -7.73 1.08
C ARG A 151 -10.99 -7.56 2.28
N LEU A 152 -10.40 -6.37 2.37
CA LEU A 152 -9.69 -5.93 3.56
C LEU A 152 -10.68 -5.49 4.64
N GLU A 153 -10.29 -5.66 5.89
CA GLU A 153 -11.04 -5.18 7.03
C GLU A 153 -10.06 -4.63 8.06
N TYR A 154 -10.48 -3.60 8.79
CA TYR A 154 -9.58 -2.78 9.60
C TYR A 154 -10.08 -2.67 11.03
N ILE A 155 -9.16 -2.69 11.99
CA ILE A 155 -9.51 -2.34 13.36
C ILE A 155 -9.53 -0.82 13.48
N LYS A 156 -10.73 -0.25 13.57
CA LYS A 156 -10.89 1.20 13.64
C LYS A 156 -10.02 1.83 14.73
N GLY A 157 -9.23 2.83 14.33
CA GLY A 157 -8.46 3.62 15.26
C GLY A 157 -7.18 3.00 15.76
N SER A 158 -6.82 1.81 15.25
CA SER A 158 -5.68 1.08 15.78
C SER A 158 -4.35 1.72 15.41
N HIS A 159 -4.34 2.64 14.44
CA HIS A 159 -3.09 3.33 14.14
C HIS A 159 -2.66 4.26 15.26
N GLN A 160 -3.57 4.59 16.18
CA GLN A 160 -3.25 5.45 17.32
C GLN A 160 -2.69 4.68 18.50
N TRP A 161 -2.62 3.34 18.41
CA TRP A 161 -2.18 2.51 19.53
C TRP A 161 -0.67 2.52 19.72
N GLY A 162 0.09 3.01 18.75
CA GLY A 162 1.55 3.02 18.86
C GLY A 162 2.18 1.65 18.93
N LYS A 163 1.58 0.66 18.28
CA LYS A 163 2.08 -0.72 18.36
C LYS A 163 2.28 -1.27 16.96
N GLU A 164 3.41 -1.94 16.76
CA GLU A 164 3.68 -2.70 15.55
C GLU A 164 3.12 -4.11 15.68
N LEU A 165 2.62 -4.65 14.56
CA LEU A 165 2.07 -6.01 14.56
C LEU A 165 2.44 -6.70 13.25
N ARG A 166 3.49 -7.51 13.26
CA ARG A 166 3.76 -8.38 12.13
C ARG A 166 2.73 -9.49 12.08
N GLU A 167 2.40 -9.93 10.86
CA GLU A 167 1.40 -10.97 10.71
C GLU A 167 1.86 -12.25 11.41
N ARG A 168 0.96 -12.83 12.20
CA ARG A 168 1.19 -14.06 12.96
C ARG A 168 2.19 -13.88 14.11
N SER A 169 2.49 -12.64 14.52
CA SER A 169 3.45 -12.44 15.59
C SER A 169 2.90 -12.76 16.98
N ASN A 170 1.58 -12.68 17.16
CA ASN A 170 0.92 -13.10 18.39
C ASN A 170 1.45 -12.48 19.69
N PRO A 171 1.60 -11.16 19.76
CA PRO A 171 2.03 -10.55 21.01
C PRO A 171 0.89 -10.55 22.02
N SER A 172 1.28 -10.55 23.31
CA SER A 172 0.26 -10.71 24.34
C SER A 172 -0.71 -9.54 24.42
N TRP A 173 -0.30 -8.33 23.99
CA TRP A 173 -1.18 -7.18 24.08
C TRP A 173 -2.34 -7.25 23.10
N PHE A 174 -2.24 -8.07 22.04
CA PHE A 174 -3.20 -8.02 20.95
C PHE A 174 -4.40 -8.91 21.24
N ILE A 175 -5.57 -8.28 21.38
CA ILE A 175 -6.84 -8.95 21.65
C ILE A 175 -7.62 -8.98 20.35
N GLU A 176 -8.10 -10.15 19.94
CA GLU A 176 -8.95 -10.27 18.76
C GLU A 176 -10.10 -9.26 18.86
N PRO A 177 -10.37 -8.47 17.82
CA PRO A 177 -11.41 -7.43 17.93
C PRO A 177 -12.82 -8.01 17.91
N GLU A 178 -13.74 -7.26 18.52
CA GLU A 178 -15.15 -7.56 18.38
C GLU A 178 -15.64 -7.13 17.00
N PRO A 179 -16.65 -7.81 16.45
CA PRO A 179 -17.14 -7.45 15.10
C PRO A 179 -17.47 -5.99 14.91
N HIS A 180 -18.02 -5.32 15.92
CA HIS A 180 -18.40 -3.92 15.74
C HIS A 180 -17.19 -2.98 15.71
N GLU A 181 -15.99 -3.50 15.99
CA GLU A 181 -14.77 -2.71 15.96
C GLU A 181 -14.08 -2.75 14.61
N ILE A 182 -14.66 -3.46 13.64
CA ILE A 182 -14.00 -3.80 12.37
C ILE A 182 -14.69 -3.03 11.24
N LEU A 183 -13.91 -2.23 10.51
CA LEU A 183 -14.41 -1.41 9.41
C LEU A 183 -14.06 -2.05 8.07
N SER A 184 -15.01 -2.01 7.14
CA SER A 184 -14.77 -2.46 5.79
C SER A 184 -15.73 -1.72 4.85
N TRP A 185 -15.50 -1.90 3.54
CA TRP A 185 -16.32 -1.27 2.51
C TRP A 185 -16.62 -2.24 1.37
N ASP A 186 -17.72 -1.98 0.66
CA ASP A 186 -17.94 -2.54 -0.65
C ASP A 186 -17.18 -1.66 -1.64
N MET A 187 -16.47 -2.28 -2.58
CA MET A 187 -15.70 -1.53 -3.56
C MET A 187 -15.99 -2.00 -4.98
N GLU A 188 -15.84 -1.08 -5.92
CA GLU A 188 -15.82 -1.38 -7.34
C GLU A 188 -14.45 -0.99 -7.90
N ALA A 189 -14.15 -1.53 -9.07
CA ALA A 189 -12.89 -1.22 -9.76
C ALA A 189 -12.72 0.30 -9.88
N GLY A 190 -11.54 0.79 -9.52
CA GLY A 190 -11.27 2.20 -9.53
C GLY A 190 -11.37 2.87 -8.18
N ASP A 191 -12.06 2.24 -7.22
CA ASP A 191 -12.08 2.70 -5.84
C ASP A 191 -10.78 2.30 -5.18
N CYS A 192 -10.39 3.05 -4.15
CA CYS A 192 -9.21 2.71 -3.39
C CYS A 192 -9.48 2.83 -1.90
N LEU A 193 -8.68 2.10 -1.14
CA LEU A 193 -8.55 2.29 0.31
C LEU A 193 -7.24 3.01 0.55
N ILE A 194 -7.23 3.91 1.52
CA ILE A 194 -6.00 4.56 1.95
C ILE A 194 -5.89 4.30 3.43
N HIS A 195 -4.83 3.60 3.85
CA HIS A 195 -4.68 3.27 5.26
C HIS A 195 -3.31 3.66 5.79
N HIS A 196 -3.31 4.05 7.06
CA HIS A 196 -2.09 4.41 7.74
C HIS A 196 -1.24 3.16 7.98
N PHE A 197 0.09 3.35 8.00
CA PHE A 197 1.02 2.24 8.21
C PHE A 197 0.90 1.57 9.58
N LEU A 198 0.19 2.17 10.54
CA LEU A 198 -0.03 1.49 11.81
C LEU A 198 -1.43 0.91 11.98
N THR A 199 -2.35 1.15 11.02
CA THR A 199 -3.70 0.61 11.15
C THR A 199 -3.66 -0.90 10.94
N ILE A 200 -4.16 -1.64 11.92
CA ILE A 200 -4.15 -3.09 11.85
C ILE A 200 -5.29 -3.55 10.94
N HIS A 201 -4.96 -4.45 9.99
CA HIS A 201 -5.91 -4.94 9.00
C HIS A 201 -5.63 -6.40 8.70
N HIS A 202 -6.62 -7.04 8.09
CA HIS A 202 -6.49 -8.39 7.56
C HIS A 202 -7.27 -8.43 6.26
N SER A 203 -7.14 -9.50 5.50
CA SER A 203 -7.99 -9.69 4.33
C SER A 203 -8.48 -11.13 4.27
N VAL A 204 -9.77 -11.28 4.01
CA VAL A 204 -10.43 -12.57 4.08
C VAL A 204 -10.23 -13.33 2.77
N THR A 205 -10.68 -14.58 2.73
CA THR A 205 -10.47 -15.41 1.56
C THR A 205 -11.38 -14.95 0.41
N ASN A 206 -10.84 -14.97 -0.80
CA ASN A 206 -11.66 -14.79 -2.00
C ASN A 206 -12.32 -16.14 -2.27
N ILE A 207 -13.60 -16.24 -1.93
CA ILE A 207 -14.40 -17.45 -2.16
C ILE A 207 -15.25 -17.33 -3.42
N SER A 208 -15.08 -16.26 -4.19
CA SER A 208 -15.87 -16.04 -5.39
C SER A 208 -15.23 -16.77 -6.57
N SER A 209 -15.87 -16.66 -7.73
CA SER A 209 -15.39 -17.30 -8.94
C SER A 209 -14.50 -16.39 -9.78
N THR A 210 -14.24 -15.17 -9.32
CA THR A 210 -13.50 -14.19 -10.09
C THR A 210 -12.31 -13.69 -9.29
N GLN A 211 -11.24 -13.32 -10.00
CA GLN A 211 -10.03 -12.86 -9.34
C GLN A 211 -10.24 -11.50 -8.70
N ARG A 212 -9.47 -11.23 -7.65
CA ARG A 212 -9.53 -9.99 -6.88
C ARG A 212 -8.17 -9.33 -7.01
N ARG A 213 -8.03 -8.44 -8.00
CA ARG A 213 -6.77 -7.79 -8.32
C ARG A 213 -6.71 -6.43 -7.67
N ALA A 214 -5.57 -6.13 -7.03
CA ALA A 214 -5.35 -4.82 -6.45
C ALA A 214 -3.91 -4.39 -6.70
N ILE A 215 -3.72 -3.09 -6.91
CA ILE A 215 -2.38 -2.49 -6.97
C ILE A 215 -2.17 -1.66 -5.72
N VAL A 216 -1.00 -1.77 -5.13
CA VAL A 216 -0.63 -1.00 -3.95
C VAL A 216 0.44 0.01 -4.31
N THR A 217 0.31 1.21 -3.76
CA THR A 217 1.37 2.21 -3.78
C THR A 217 1.54 2.72 -2.36
N ASN A 218 2.79 2.90 -1.95
CA ASN A 218 3.14 3.29 -0.59
C ASN A 218 3.82 4.64 -0.65
N TRP A 219 3.51 5.50 0.34
CA TRP A 219 3.82 6.93 0.27
C TRP A 219 4.27 7.44 1.63
N THR A 220 5.25 8.36 1.63
CA THR A 220 5.73 8.95 2.88
C THR A 220 5.80 10.46 2.73
N GLY A 221 5.70 11.15 3.88
CA GLY A 221 5.62 12.60 3.87
C GLY A 221 6.67 13.30 4.70
N ASP A 222 6.28 14.43 5.30
CA ASP A 222 7.24 15.38 5.85
C ASP A 222 8.11 14.78 6.96
N ASP A 223 7.51 14.02 7.87
CA ASP A 223 8.20 13.68 9.11
C ASP A 223 8.93 12.34 9.09
N VAL A 224 9.15 11.75 7.91
CA VAL A 224 9.61 10.37 7.78
C VAL A 224 11.11 10.35 7.51
N THR A 225 11.81 9.36 8.11
CA THR A 225 13.23 9.13 7.86
C THR A 225 13.49 7.64 7.67
N TYR A 226 14.68 7.33 7.15
CA TYR A 226 15.10 5.96 6.89
C TYR A 226 15.44 5.23 8.20
N TYR A 227 15.09 3.96 8.28
CA TYR A 227 15.35 3.17 9.49
C TYR A 227 15.40 1.70 9.13
N GLN A 228 16.58 1.09 9.23
CA GLN A 228 16.84 -0.26 8.73
C GLN A 228 16.37 -1.34 9.71
N ARG A 229 15.08 -1.30 10.04
CA ARG A 229 14.52 -2.29 10.96
C ARG A 229 14.69 -3.69 10.37
N PRO A 230 14.81 -4.71 11.22
CA PRO A 230 15.02 -6.06 10.71
C PRO A 230 13.81 -6.56 9.94
N LYS A 231 14.10 -7.44 8.97
CA LYS A 231 13.09 -8.16 8.21
C LYS A 231 12.14 -7.23 7.45
N ALA A 232 12.68 -6.12 6.96
CA ALA A 232 11.88 -5.15 6.23
C ALA A 232 12.23 -5.21 4.75
N TRP A 233 11.36 -4.61 3.95
CA TRP A 233 11.60 -4.50 2.52
C TRP A 233 12.98 -3.90 2.28
N PRO A 234 13.72 -4.37 1.27
CA PRO A 234 13.34 -5.34 0.24
C PRO A 234 13.48 -6.81 0.61
N PHE A 235 13.59 -7.13 1.91
CA PHE A 235 13.55 -8.51 2.41
C PHE A 235 14.75 -9.33 2.00
N LYS A 236 15.83 -8.68 1.57
CA LYS A 236 17.10 -9.33 1.28
C LYS A 236 18.18 -8.28 1.41
N PRO A 237 19.43 -8.70 1.63
CA PRO A 237 20.52 -7.71 1.76
C PRO A 237 20.63 -6.86 0.50
N LEU A 238 20.92 -5.57 0.71
CA LEU A 238 21.02 -4.66 -0.43
C LEU A 238 22.13 -5.06 -1.39
N GLU A 239 23.18 -5.71 -0.89
CA GLU A 239 24.27 -6.13 -1.77
C GLU A 239 23.80 -7.13 -2.81
N GLU A 240 22.67 -7.81 -2.58
CA GLU A 240 22.16 -8.80 -3.49
C GLU A 240 21.26 -8.21 -4.58
N ILE A 241 21.11 -6.89 -4.60
CA ILE A 241 20.30 -6.20 -5.61
C ILE A 241 21.23 -5.38 -6.48
N ASP A 242 21.19 -5.64 -7.80
CA ASP A 242 22.07 -5.00 -8.77
C ASP A 242 21.46 -3.78 -9.43
N LEU A 243 20.17 -3.53 -9.23
CA LEU A 243 19.49 -2.46 -9.94
C LEU A 243 20.06 -1.10 -9.54
N PRO A 244 20.28 -0.20 -10.49
CA PRO A 244 20.98 1.05 -10.15
C PRO A 244 20.24 1.94 -9.18
N GLU A 245 18.90 1.90 -9.16
CA GLU A 245 18.16 2.75 -8.25
C GLU A 245 18.54 2.51 -6.79
N PHE A 246 19.06 1.34 -6.46
CA PHE A 246 19.43 1.00 -5.09
C PHE A 246 20.80 1.51 -4.69
N ASN A 247 21.63 1.98 -5.62
CA ASN A 247 22.94 2.53 -5.25
C ASN A 247 22.79 3.64 -4.23
N SER A 248 21.86 4.57 -4.49
CA SER A 248 21.65 5.71 -3.60
C SER A 248 21.06 5.31 -2.25
N LEU A 249 20.48 4.12 -2.13
CA LEU A 249 20.00 3.67 -0.84
C LEU A 249 21.11 3.03 -0.02
N LYS A 250 22.06 2.36 -0.69
CA LYS A 250 23.15 1.69 0.01
C LYS A 250 23.97 2.66 0.85
N THR A 251 24.21 3.85 0.31
CA THR A 251 25.01 4.86 1.00
C THR A 251 24.20 5.67 2.01
N LYS A 252 22.94 5.31 2.26
CA LYS A 252 22.08 6.05 3.18
C LYS A 252 22.13 5.43 4.57
N LYS A 253 21.99 6.29 5.59
CA LYS A 253 22.03 5.89 6.98
C LYS A 253 20.75 6.31 7.70
N SER A 254 20.46 5.62 8.81
CA SER A 254 19.23 5.88 9.56
C SER A 254 19.20 7.32 10.06
N GLY A 255 17.98 7.88 10.10
CA GLY A 255 17.77 9.26 10.47
C GLY A 255 17.66 10.22 9.30
N GLU A 256 18.22 9.87 8.15
CA GLU A 256 18.22 10.77 7.01
C GLU A 256 16.88 10.72 6.29
N PRO A 257 16.54 11.77 5.54
CA PRO A 257 15.31 11.73 4.74
C PRO A 257 15.32 10.57 3.76
N ILE A 258 14.12 10.22 3.30
CA ILE A 258 13.89 9.02 2.50
C ILE A 258 14.45 9.19 1.09
N ASP A 259 14.55 10.45 0.62
CA ASP A 259 14.78 10.80 -0.78
C ASP A 259 15.97 10.04 -1.37
N CYS A 260 15.72 9.32 -2.45
CA CYS A 260 16.76 8.66 -3.25
C CYS A 260 16.09 8.10 -4.50
N ASP A 261 16.88 7.44 -5.36
CA ASP A 261 16.34 7.00 -6.64
C ASP A 261 15.28 5.92 -6.48
N ILE A 262 15.41 5.07 -5.46
CA ILE A 262 14.44 4.01 -5.23
C ILE A 262 13.23 4.54 -4.44
N PHE A 263 13.39 5.64 -3.71
CA PHE A 263 12.31 6.29 -2.97
C PHE A 263 12.19 7.72 -3.45
N PRO A 264 11.76 7.94 -4.69
CA PRO A 264 11.90 9.27 -5.28
C PRO A 264 10.85 10.26 -4.76
N ARG A 265 11.25 11.52 -4.73
CA ARG A 265 10.31 12.61 -4.50
C ARG A 265 9.35 12.74 -5.66
N VAL A 266 8.12 13.15 -5.35
CA VAL A 266 7.05 13.32 -6.32
C VAL A 266 6.42 14.70 -6.15
N GLN A 267 6.00 15.28 -7.27
CA GLN A 267 5.37 16.61 -7.27
C GLN A 267 4.17 16.66 -6.34
N VAL A 268 4.07 17.73 -5.56
CA VAL A 268 2.89 17.98 -4.72
C VAL A 268 1.99 19.07 -5.28
#